data_5J8Z
#
_entry.id   5J8Z
#
_cell.length_a   42.396
_cell.length_b   41.390
_cell.length_c   71.823
_cell.angle_alpha   90.000
_cell.angle_beta   104.240
_cell.angle_gamma   90.000
#
_symmetry.space_group_name_H-M   'P 1 21 1'
#
loop_
_entity.id
_entity.type
_entity.pdbx_description
1 polymer 'Carbonic anhydrase 2'
2 non-polymer 'ZINC ION'
3 non-polymer GLYCEROL
4 non-polymer (2R)-2-{[4-(4-chlorophenyl)-5-cyano-6-oxo-1,6-dihydropyrimidin-2-yl]sulfanyl}-N-(4-sulfamoylphenyl)propanamide
5 non-polymer (2S)-2-{[4-(4-chlorophenyl)-5-cyano-6-oxo-1,6-dihydropyrimidin-2-yl]sulfanyl}-N-(4-sulfamoylphenyl)propanamide
6 water water
#
_entity_poly.entity_id   1
_entity_poly.type   'polypeptide(L)'
_entity_poly.pdbx_seq_one_letter_code
;MGMSHHWGYGKHNGPEHWHKDFPIAKGERQSPVDIDTHTAKYDPSLKPLSVSYDQATSLRILNNGHAFNVEFDDSQDKAV
LKGGPLDGTYRLIQFHFHWGSLDGQGSEHTVDKKKYAAELHLVHWNTKYGDFGKAVQQPDGLAVLGIFLKVGSAKPGLQK
VVDVLDSIKTKGKSADFTNFDPRGLLPESLDYWTYPGSLTTPPLLECVTWIVLKEPISVSSEQVLKFRKLNFNGEGEPEE
LMVDNWRPAQPLKNRQIKASFK
;
_entity_poly.pdbx_strand_id   A
#
# COMPACT_ATOMS: atom_id res chain seq x y z
N GLY A 2 1.96 -0.15 -20.41
CA GLY A 2 1.88 1.21 -19.81
C GLY A 2 2.95 2.15 -20.34
N MET A 3 3.55 1.79 -21.48
CA MET A 3 4.59 2.62 -22.08
C MET A 3 4.12 4.03 -22.44
N SER A 4 2.80 4.23 -22.49
CA SER A 4 2.25 5.53 -22.83
C SER A 4 1.54 6.25 -21.66
N HIS A 5 1.57 5.63 -20.48
CA HIS A 5 0.95 6.23 -19.29
C HIS A 5 1.70 7.52 -18.93
N HIS A 6 0.97 8.58 -18.66
CA HIS A 6 1.62 9.85 -18.29
C HIS A 6 1.05 10.39 -16.99
N TRP A 7 0.30 9.55 -16.27
CA TRP A 7 -0.29 9.97 -15.00
C TRP A 7 0.79 10.11 -13.95
N GLY A 8 0.50 10.90 -12.93
CA GLY A 8 1.43 11.11 -11.84
C GLY A 8 0.72 11.74 -10.67
N TYR A 9 1.44 12.56 -9.91
CA TYR A 9 0.85 13.25 -8.76
C TYR A 9 1.06 14.74 -8.85
N GLY A 10 1.40 15.23 -10.04
CA GLY A 10 1.62 16.65 -10.22
C GLY A 10 0.31 17.40 -10.45
N LYS A 11 0.41 18.71 -10.57
CA LYS A 11 -0.77 19.54 -10.79
C LYS A 11 -1.47 19.24 -12.13
N HIS A 12 -0.69 18.84 -13.12
CA HIS A 12 -1.26 18.59 -14.43
C HIS A 12 -1.53 17.13 -14.80
N ASN A 13 -1.11 16.19 -13.96
CA ASN A 13 -1.34 14.78 -14.25
C ASN A 13 -1.76 14.00 -13.00
N GLY A 14 -2.12 14.73 -11.95
CA GLY A 14 -2.51 14.14 -10.68
C GLY A 14 -3.88 13.47 -10.62
N PRO A 15 -4.27 12.99 -9.43
CA PRO A 15 -5.54 12.31 -9.19
C PRO A 15 -6.79 12.91 -9.86
N GLU A 16 -6.89 14.23 -9.92
CA GLU A 16 -8.07 14.85 -10.53
C GLU A 16 -8.10 14.68 -12.06
N HIS A 17 -6.99 14.23 -12.62
CA HIS A 17 -6.88 14.02 -14.07
C HIS A 17 -7.02 12.57 -14.49
N TRP A 18 -6.78 11.65 -13.57
CA TRP A 18 -6.80 10.24 -13.93
C TRP A 18 -8.02 9.70 -14.67
N HIS A 19 -9.19 10.22 -14.36
CA HIS A 19 -10.40 9.70 -14.98
C HIS A 19 -10.42 9.80 -16.51
N LYS A 20 -9.68 10.75 -17.07
CA LYS A 20 -9.66 10.89 -18.53
C LYS A 20 -9.09 9.66 -19.23
N ASP A 21 -8.01 9.10 -18.69
CA ASP A 21 -7.43 7.90 -19.27
C ASP A 21 -7.96 6.63 -18.60
N PHE A 22 -8.41 6.76 -17.35
CA PHE A 22 -8.92 5.62 -16.59
C PHE A 22 -10.29 6.00 -16.03
N PRO A 23 -11.33 5.88 -16.85
CA PRO A 23 -12.69 6.23 -16.41
C PRO A 23 -13.19 5.53 -15.16
N ILE A 24 -12.61 4.38 -14.83
N ILE A 24 -12.61 4.38 -14.83
CA ILE A 24 -13.02 3.64 -13.64
CA ILE A 24 -13.03 3.66 -13.64
C ILE A 24 -12.67 4.45 -12.38
C ILE A 24 -12.69 4.46 -12.38
N ALA A 25 -11.96 5.55 -12.56
CA ALA A 25 -11.58 6.42 -11.44
C ALA A 25 -12.83 6.95 -10.73
N LYS A 26 -13.94 7.02 -11.46
CA LYS A 26 -15.19 7.49 -10.88
C LYS A 26 -16.13 6.30 -10.67
N GLY A 27 -15.55 5.11 -10.53
CA GLY A 27 -16.33 3.89 -10.34
C GLY A 27 -17.06 3.73 -9.01
N GLU A 28 -17.65 2.55 -8.83
CA GLU A 28 -18.44 2.25 -7.64
C GLU A 28 -17.70 1.72 -6.41
N ARG A 29 -16.45 1.31 -6.56
CA ARG A 29 -15.71 0.80 -5.41
C ARG A 29 -14.24 1.22 -5.46
N GLN A 30 -14.05 2.53 -5.52
CA GLN A 30 -12.71 3.12 -5.60
C GLN A 30 -12.07 3.33 -4.24
N SER A 31 -10.73 3.29 -4.23
CA SER A 31 -9.94 3.46 -3.01
C SER A 31 -8.92 4.57 -3.22
N PRO A 32 -8.44 5.18 -2.14
CA PRO A 32 -8.76 4.90 -0.74
C PRO A 32 -10.08 5.56 -0.35
N VAL A 33 -10.45 5.39 0.91
CA VAL A 33 -11.66 5.99 1.46
C VAL A 33 -11.38 6.48 2.88
N ASP A 34 -12.26 7.31 3.40
CA ASP A 34 -12.11 7.77 4.76
C ASP A 34 -12.79 6.70 5.60
N ILE A 35 -12.16 6.31 6.70
CA ILE A 35 -12.73 5.31 7.58
C ILE A 35 -13.38 6.02 8.75
N ASP A 36 -14.71 6.09 8.72
CA ASP A 36 -15.45 6.71 9.81
C ASP A 36 -15.62 5.63 10.87
N THR A 37 -14.82 5.72 11.94
CA THR A 37 -14.83 4.71 12.99
C THR A 37 -16.15 4.50 13.70
N HIS A 38 -16.97 5.54 13.74
CA HIS A 38 -18.25 5.43 14.41
C HIS A 38 -19.30 4.75 13.52
N THR A 39 -19.08 4.78 12.21
CA THR A 39 -20.01 4.18 11.25
C THR A 39 -19.62 2.74 10.84
N ALA A 40 -18.36 2.38 11.03
CA ALA A 40 -17.91 1.04 10.69
C ALA A 40 -18.60 0.11 11.67
N LYS A 41 -19.07 -1.04 11.20
CA LYS A 41 -19.76 -1.95 12.11
C LYS A 41 -18.94 -3.19 12.43
N TYR A 42 -18.91 -3.54 13.71
CA TYR A 42 -18.21 -4.73 14.16
C TYR A 42 -18.90 -5.93 13.52
N ASP A 43 -18.10 -6.85 12.98
CA ASP A 43 -18.64 -8.05 12.35
C ASP A 43 -18.04 -9.27 13.04
N PRO A 44 -18.75 -9.80 14.06
CA PRO A 44 -18.29 -10.97 14.83
C PRO A 44 -18.00 -12.21 14.01
N SER A 45 -18.48 -12.25 12.77
CA SER A 45 -18.24 -13.41 11.90
C SER A 45 -16.87 -13.32 11.24
N LEU A 46 -16.25 -12.14 11.28
CA LEU A 46 -14.93 -11.96 10.68
C LEU A 46 -13.89 -12.76 11.47
N LYS A 47 -13.17 -13.63 10.77
CA LYS A 47 -12.15 -14.46 11.40
C LYS A 47 -10.86 -13.70 11.65
N PRO A 48 -10.04 -14.19 12.59
CA PRO A 48 -8.79 -13.48 12.84
C PRO A 48 -7.96 -13.54 11.57
N LEU A 49 -7.17 -12.51 11.36
CA LEU A 49 -6.32 -12.43 10.20
C LEU A 49 -5.15 -13.41 10.39
N SER A 50 -4.70 -14.02 9.31
CA SER A 50 -3.57 -14.95 9.39
C SER A 50 -2.46 -14.46 8.50
N VAL A 51 -1.41 -13.93 9.11
CA VAL A 51 -0.26 -13.43 8.37
C VAL A 51 0.89 -14.40 8.57
N SER A 52 1.26 -15.12 7.52
CA SER A 52 2.34 -16.09 7.60
C SER A 52 3.48 -15.65 6.70
N TYR A 53 4.41 -14.89 7.27
CA TYR A 53 5.54 -14.35 6.53
C TYR A 53 6.89 -15.00 6.89
N ASP A 54 6.86 -16.07 7.67
N ASP A 54 6.83 -16.09 7.64
CA ASP A 54 8.10 -16.72 8.08
CA ASP A 54 8.02 -16.80 8.09
C ASP A 54 9.01 -17.20 6.94
C ASP A 54 8.97 -17.23 6.96
N GLN A 55 8.42 -17.64 5.83
CA GLN A 55 9.24 -18.10 4.70
C GLN A 55 9.34 -17.09 3.56
N ALA A 56 9.04 -15.83 3.85
CA ALA A 56 9.11 -14.78 2.84
C ALA A 56 10.49 -14.70 2.19
N THR A 57 10.51 -14.47 0.88
CA THR A 57 11.76 -14.35 0.15
C THR A 57 11.76 -13.05 -0.65
N SER A 58 12.37 -12.00 -0.09
CA SER A 58 12.44 -10.73 -0.81
C SER A 58 13.53 -10.87 -1.85
N LEU A 59 13.40 -10.14 -2.95
CA LEU A 59 14.38 -10.24 -4.01
C LEU A 59 15.03 -8.95 -4.45
N ARG A 60 14.22 -7.90 -4.57
CA ARG A 60 14.71 -6.66 -5.13
C ARG A 60 13.88 -5.47 -4.67
N ILE A 61 14.47 -4.27 -4.77
CA ILE A 61 13.74 -3.06 -4.42
C ILE A 61 13.84 -2.19 -5.67
N LEU A 62 12.71 -1.63 -6.07
CA LEU A 62 12.64 -0.84 -7.31
C LEU A 62 11.97 0.52 -7.18
N ASN A 63 12.58 1.55 -7.78
CA ASN A 63 11.96 2.87 -7.78
C ASN A 63 11.23 2.84 -9.13
N ASN A 64 9.90 2.85 -9.11
CA ASN A 64 9.15 2.77 -10.37
C ASN A 64 8.61 4.11 -10.85
N GLY A 65 9.10 5.21 -10.28
CA GLY A 65 8.64 6.52 -10.71
C GLY A 65 7.43 7.05 -9.97
N HIS A 66 6.77 6.18 -9.19
CA HIS A 66 5.57 6.53 -8.40
C HIS A 66 5.78 6.27 -6.92
N ALA A 67 6.57 5.24 -6.62
CA ALA A 67 6.91 4.83 -5.25
C ALA A 67 8.06 3.83 -5.38
N PHE A 68 8.42 3.14 -4.31
CA PHE A 68 9.45 2.10 -4.45
C PHE A 68 8.82 0.80 -3.97
N ASN A 69 9.05 -0.28 -4.72
CA ASN A 69 8.49 -1.57 -4.35
C ASN A 69 9.56 -2.56 -3.91
N VAL A 70 9.30 -3.24 -2.80
CA VAL A 70 10.20 -4.31 -2.36
C VAL A 70 9.43 -5.51 -2.89
N GLU A 71 10.05 -6.26 -3.80
CA GLU A 71 9.40 -7.41 -4.44
C GLU A 71 9.80 -8.75 -3.81
N PHE A 72 8.87 -9.70 -3.85
CA PHE A 72 9.10 -11.03 -3.27
C PHE A 72 8.90 -12.14 -4.29
N ASP A 73 9.45 -13.31 -3.98
CA ASP A 73 9.28 -14.48 -4.84
C ASP A 73 7.89 -15.02 -4.52
N ASP A 74 6.97 -14.93 -5.48
CA ASP A 74 5.61 -15.41 -5.25
C ASP A 74 5.28 -16.59 -6.14
N SER A 75 6.30 -17.37 -6.51
CA SER A 75 6.10 -18.54 -7.35
C SER A 75 5.69 -19.77 -6.53
N GLN A 76 5.65 -19.61 -5.20
CA GLN A 76 5.23 -20.66 -4.27
C GLN A 76 4.59 -19.98 -3.08
N ASP A 77 3.87 -20.75 -2.25
CA ASP A 77 3.21 -20.21 -1.07
C ASP A 77 4.28 -20.04 0.02
N LYS A 78 5.00 -18.93 -0.01
CA LYS A 78 6.04 -18.66 0.97
C LYS A 78 5.61 -17.62 2.01
N ALA A 79 4.95 -16.57 1.56
CA ALA A 79 4.47 -15.52 2.45
C ALA A 79 3.03 -15.32 2.05
N VAL A 80 2.09 -15.71 2.91
CA VAL A 80 0.69 -15.56 2.56
C VAL A 80 -0.19 -14.94 3.61
N LEU A 81 -1.29 -14.38 3.14
CA LEU A 81 -2.29 -13.77 4.00
C LEU A 81 -3.55 -14.61 3.82
N LYS A 82 -4.21 -14.93 4.92
CA LYS A 82 -5.43 -15.74 4.89
C LYS A 82 -6.33 -15.28 6.03
N GLY A 83 -7.54 -15.83 6.09
CA GLY A 83 -8.43 -15.47 7.17
C GLY A 83 -9.04 -14.09 7.02
N GLY A 84 -9.46 -13.52 8.14
CA GLY A 84 -10.11 -12.22 8.08
C GLY A 84 -11.32 -12.36 7.19
N PRO A 85 -11.55 -11.43 6.25
CA PRO A 85 -12.70 -11.50 5.34
C PRO A 85 -12.41 -12.36 4.12
N LEU A 86 -11.19 -12.88 4.06
CA LEU A 86 -10.77 -13.64 2.90
C LEU A 86 -11.08 -15.13 2.89
N ASP A 87 -11.30 -15.66 1.69
CA ASP A 87 -11.47 -17.09 1.56
C ASP A 87 -10.38 -17.44 0.56
N GLY A 88 -9.58 -18.43 0.90
CA GLY A 88 -8.50 -18.81 0.02
C GLY A 88 -7.17 -18.27 0.53
N THR A 89 -6.15 -18.44 -0.28
CA THR A 89 -4.79 -18.04 0.05
C THR A 89 -4.32 -16.92 -0.87
N TYR A 90 -3.78 -15.86 -0.26
CA TYR A 90 -3.27 -14.74 -1.03
C TYR A 90 -1.77 -14.63 -0.81
N ARG A 91 -0.99 -14.61 -1.89
CA ARG A 91 0.48 -14.53 -1.80
C ARG A 91 1.01 -13.11 -1.88
N LEU A 92 1.99 -12.82 -1.02
CA LEU A 92 2.63 -11.51 -1.00
C LEU A 92 3.50 -11.39 -2.24
N ILE A 93 3.29 -10.33 -3.02
CA ILE A 93 4.08 -10.11 -4.22
C ILE A 93 5.00 -8.90 -4.06
N GLN A 94 4.53 -7.89 -3.34
CA GLN A 94 5.35 -6.70 -3.12
C GLN A 94 4.74 -5.80 -2.07
N PHE A 95 5.55 -4.90 -1.53
CA PHE A 95 5.02 -3.88 -0.64
C PHE A 95 5.67 -2.55 -1.03
N HIS A 96 4.96 -1.46 -0.73
CA HIS A 96 5.44 -0.11 -1.01
C HIS A 96 4.74 0.81 -0.03
N PHE A 97 5.08 2.09 -0.12
CA PHE A 97 4.50 3.11 0.74
C PHE A 97 4.03 4.29 -0.10
N HIS A 98 3.21 5.13 0.55
CA HIS A 98 2.73 6.40 -0.01
C HIS A 98 3.05 7.33 1.16
N TRP A 99 3.62 8.50 0.90
CA TRP A 99 3.98 9.39 1.99
C TRP A 99 3.83 10.84 1.55
N GLY A 100 3.94 11.76 2.50
CA GLY A 100 3.78 13.16 2.17
C GLY A 100 5.03 14.00 2.19
N SER A 101 4.85 15.30 1.98
CA SER A 101 5.94 16.25 2.00
C SER A 101 6.06 16.81 3.42
N LEU A 102 5.04 16.55 4.22
CA LEU A 102 4.95 16.99 5.61
C LEU A 102 4.39 15.84 6.45
N ASP A 103 4.76 15.79 7.73
CA ASP A 103 4.29 14.69 8.59
C ASP A 103 2.75 14.64 8.73
N GLY A 104 2.09 15.78 8.50
CA GLY A 104 0.64 15.82 8.64
C GLY A 104 -0.18 15.28 7.48
N GLN A 105 0.49 14.72 6.49
CA GLN A 105 -0.21 14.15 5.34
C GLN A 105 0.65 13.07 4.72
N GLY A 106 0.04 12.23 3.90
CA GLY A 106 0.80 11.17 3.25
C GLY A 106 0.04 9.88 3.10
N SER A 107 -0.84 9.57 4.05
CA SER A 107 -1.61 8.33 3.94
C SER A 107 -2.71 8.48 2.91
N GLU A 108 -3.17 7.35 2.38
CA GLU A 108 -4.22 7.34 1.39
C GLU A 108 -5.54 7.19 2.14
N HIS A 109 -5.64 6.18 3.00
CA HIS A 109 -6.85 6.06 3.78
C HIS A 109 -6.70 7.07 4.90
N THR A 110 -7.82 7.50 5.46
CA THR A 110 -7.81 8.44 6.57
C THR A 110 -8.74 7.83 7.61
N VAL A 111 -8.57 8.21 8.87
CA VAL A 111 -9.42 7.67 9.94
C VAL A 111 -10.12 8.86 10.58
N ASP A 112 -11.43 8.94 10.38
CA ASP A 112 -12.19 10.08 10.87
C ASP A 112 -11.54 11.36 10.35
N LYS A 113 -11.19 11.30 9.06
CA LYS A 113 -10.56 12.40 8.33
C LYS A 113 -9.11 12.68 8.69
N LYS A 114 -8.57 11.94 9.66
CA LYS A 114 -7.19 12.13 10.06
C LYS A 114 -6.23 11.53 9.03
N LYS A 115 -5.21 12.30 8.65
CA LYS A 115 -4.21 11.82 7.70
C LYS A 115 -2.94 11.44 8.45
N TYR A 116 -2.35 10.29 8.11
CA TYR A 116 -1.11 9.87 8.76
C TYR A 116 0.06 10.28 7.86
N ALA A 117 1.28 10.20 8.40
CA ALA A 117 2.48 10.59 7.65
C ALA A 117 2.76 9.74 6.42
N ALA A 118 2.34 8.48 6.47
CA ALA A 118 2.54 7.59 5.34
C ALA A 118 1.67 6.36 5.54
N GLU A 119 1.65 5.50 4.53
CA GLU A 119 0.86 4.28 4.59
C GLU A 119 1.58 3.18 3.84
N LEU A 120 1.74 2.04 4.49
CA LEU A 120 2.38 0.88 3.92
C LEU A 120 1.32 -0.03 3.32
N HIS A 121 1.60 -0.53 2.12
CA HIS A 121 0.68 -1.42 1.42
C HIS A 121 1.40 -2.74 1.10
N LEU A 122 0.95 -3.82 1.73
CA LEU A 122 1.50 -5.15 1.48
C LEU A 122 0.49 -5.79 0.54
N VAL A 123 0.91 -5.95 -0.71
CA VAL A 123 0.07 -6.45 -1.79
C VAL A 123 0.11 -7.97 -1.97
N HIS A 124 -1.07 -8.61 -1.94
CA HIS A 124 -1.17 -10.07 -2.10
C HIS A 124 -2.19 -10.42 -3.17
N TRP A 125 -1.98 -11.52 -3.90
CA TRP A 125 -2.95 -11.92 -4.91
C TRP A 125 -3.49 -13.32 -4.63
N ASN A 126 -4.76 -13.51 -4.98
CA ASN A 126 -5.49 -14.76 -4.77
C ASN A 126 -4.91 -15.90 -5.64
N THR A 127 -4.33 -16.91 -5.01
CA THR A 127 -3.71 -17.99 -5.77
C THR A 127 -4.65 -18.78 -6.67
N LYS A 128 -5.96 -18.69 -6.45
CA LYS A 128 -6.85 -19.45 -7.32
C LYS A 128 -6.87 -18.90 -8.75
N TYR A 129 -6.26 -17.72 -8.95
CA TYR A 129 -6.20 -17.12 -10.27
C TYR A 129 -4.88 -17.35 -10.99
N GLY A 130 -3.98 -18.13 -10.39
CA GLY A 130 -2.73 -18.47 -11.04
C GLY A 130 -1.59 -17.47 -11.13
N ASP A 131 -1.90 -16.22 -11.45
CA ASP A 131 -0.85 -15.21 -11.50
C ASP A 131 -1.45 -13.85 -11.22
N PHE A 132 -0.61 -12.90 -10.85
CA PHE A 132 -1.03 -11.56 -10.51
C PHE A 132 -1.79 -10.87 -11.62
N GLY A 133 -1.31 -11.03 -12.87
CA GLY A 133 -1.97 -10.42 -14.00
C GLY A 133 -3.42 -10.85 -14.15
N LYS A 134 -3.71 -12.13 -13.87
CA LYS A 134 -5.08 -12.63 -13.95
C LYS A 134 -5.88 -12.13 -12.76
N ALA A 135 -5.23 -12.14 -11.60
CA ALA A 135 -5.89 -11.72 -10.37
C ALA A 135 -6.43 -10.28 -10.40
N VAL A 136 -5.69 -9.34 -10.96
CA VAL A 136 -6.18 -7.95 -10.96
C VAL A 136 -7.43 -7.77 -11.81
N GLN A 137 -7.80 -8.78 -12.58
CA GLN A 137 -9.00 -8.70 -13.43
C GLN A 137 -10.21 -9.32 -12.71
N GLN A 138 -10.03 -9.71 -11.45
CA GLN A 138 -11.10 -10.33 -10.67
C GLN A 138 -11.51 -9.47 -9.48
N PRO A 139 -12.81 -9.45 -9.13
CA PRO A 139 -13.29 -8.64 -8.00
C PRO A 139 -12.68 -9.04 -6.66
N ASP A 140 -12.23 -10.28 -6.53
CA ASP A 140 -11.60 -10.73 -5.29
C ASP A 140 -10.17 -11.21 -5.61
N GLY A 141 -9.53 -10.56 -6.57
CA GLY A 141 -8.19 -10.98 -6.97
C GLY A 141 -7.06 -10.58 -6.04
N LEU A 142 -7.20 -9.43 -5.38
CA LEU A 142 -6.13 -8.95 -4.51
C LEU A 142 -6.58 -8.68 -3.09
N ALA A 143 -5.62 -8.73 -2.17
CA ALA A 143 -5.88 -8.38 -0.77
C ALA A 143 -4.70 -7.48 -0.43
N VAL A 144 -4.97 -6.22 -0.07
CA VAL A 144 -3.87 -5.33 0.30
C VAL A 144 -4.01 -5.03 1.78
N LEU A 145 -2.93 -5.26 2.51
CA LEU A 145 -2.91 -5.02 3.96
C LEU A 145 -2.31 -3.62 4.10
N GLY A 146 -3.09 -2.69 4.62
CA GLY A 146 -2.61 -1.33 4.77
C GLY A 146 -2.26 -1.03 6.21
N ILE A 147 -1.13 -0.35 6.41
CA ILE A 147 -0.66 -0.03 7.76
C ILE A 147 -0.25 1.44 7.81
N PHE A 148 -0.81 2.19 8.75
CA PHE A 148 -0.49 3.61 8.86
C PHE A 148 0.86 3.81 9.55
N LEU A 149 1.56 4.86 9.14
CA LEU A 149 2.83 5.22 9.78
C LEU A 149 2.68 6.62 10.38
N LYS A 150 3.09 6.75 11.65
CA LYS A 150 3.07 8.05 12.28
C LYS A 150 4.53 8.31 12.65
N VAL A 151 4.89 9.58 12.79
CA VAL A 151 6.26 9.95 13.14
C VAL A 151 6.42 10.01 14.66
N GLY A 152 7.42 9.29 15.15
CA GLY A 152 7.70 9.27 16.58
C GLY A 152 8.99 8.50 16.74
N SER A 153 8.93 7.35 17.39
N SER A 153 8.93 7.35 17.39
CA SER A 153 10.11 6.52 17.57
CA SER A 153 10.12 6.53 17.58
C SER A 153 10.42 5.81 16.27
C SER A 153 10.42 5.80 16.27
N ALA A 154 11.68 5.42 16.08
CA ALA A 154 12.09 4.72 14.88
C ALA A 154 11.56 3.29 14.85
N LYS A 155 11.37 2.76 13.64
CA LYS A 155 10.90 1.39 13.44
C LYS A 155 12.17 0.64 13.02
N PRO A 156 12.77 -0.13 13.93
CA PRO A 156 13.99 -0.87 13.61
C PRO A 156 13.90 -1.69 12.33
N GLY A 157 12.80 -2.41 12.19
CA GLY A 157 12.61 -3.26 11.02
C GLY A 157 12.53 -2.56 9.70
N LEU A 158 12.42 -1.23 9.72
CA LEU A 158 12.33 -0.46 8.49
C LEU A 158 13.68 0.10 8.06
N GLN A 159 14.65 0.13 8.96
CA GLN A 159 15.94 0.72 8.62
C GLN A 159 16.64 0.13 7.41
N LYS A 160 16.59 -1.18 7.22
CA LYS A 160 17.25 -1.77 6.05
C LYS A 160 16.70 -1.15 4.77
N VAL A 161 15.39 -0.88 4.76
CA VAL A 161 14.76 -0.25 3.60
C VAL A 161 15.29 1.16 3.44
N VAL A 162 15.31 1.91 4.53
CA VAL A 162 15.78 3.29 4.49
C VAL A 162 17.22 3.42 3.99
N ASP A 163 18.08 2.52 4.44
CA ASP A 163 19.48 2.57 4.04
C ASP A 163 19.77 2.27 2.57
N VAL A 164 18.91 1.51 1.90
CA VAL A 164 19.16 1.16 0.50
C VAL A 164 18.58 2.19 -0.50
N LEU A 165 17.80 3.14 0.00
CA LEU A 165 17.19 4.12 -0.90
C LEU A 165 18.20 4.94 -1.69
N ASP A 166 19.39 5.13 -1.14
CA ASP A 166 20.43 5.89 -1.84
C ASP A 166 20.73 5.28 -3.20
N SER A 167 20.65 3.96 -3.28
CA SER A 167 20.97 3.26 -4.51
C SER A 167 19.85 3.19 -5.55
N ILE A 168 18.65 3.64 -5.20
CA ILE A 168 17.52 3.64 -6.15
C ILE A 168 16.85 5.01 -6.12
N LYS A 169 17.66 6.06 -6.14
CA LYS A 169 17.15 7.42 -6.05
C LYS A 169 16.18 7.83 -7.14
N THR A 170 16.45 7.40 -8.37
CA THR A 170 15.65 7.79 -9.52
C THR A 170 14.87 6.66 -10.19
N LYS A 171 13.85 7.08 -10.94
CA LYS A 171 12.97 6.19 -11.67
C LYS A 171 13.69 5.16 -12.53
N GLY A 172 13.31 3.89 -12.36
CA GLY A 172 13.91 2.81 -13.13
C GLY A 172 15.08 2.12 -12.47
N LYS A 173 15.58 2.69 -11.38
CA LYS A 173 16.69 2.07 -10.67
C LYS A 173 16.22 0.97 -9.73
N SER A 174 16.98 -0.11 -9.66
CA SER A 174 16.65 -1.20 -8.75
C SER A 174 17.92 -1.71 -8.08
N ALA A 175 17.74 -2.44 -6.98
CA ALA A 175 18.88 -2.98 -6.25
C ALA A 175 18.50 -4.32 -5.61
N ASP A 176 19.47 -5.23 -5.52
CA ASP A 176 19.20 -6.52 -4.90
C ASP A 176 18.72 -6.20 -3.48
N PHE A 177 17.72 -6.94 -3.01
CA PHE A 177 17.21 -6.68 -1.66
C PHE A 177 16.70 -7.99 -1.10
N THR A 178 17.63 -8.90 -0.85
CA THR A 178 17.27 -10.20 -0.31
C THR A 178 17.27 -10.27 1.19
N ASN A 179 16.60 -11.29 1.70
CA ASN A 179 16.53 -11.57 3.12
C ASN A 179 15.91 -10.48 3.98
N PHE A 180 14.99 -9.71 3.43
CA PHE A 180 14.33 -8.70 4.23
C PHE A 180 13.09 -9.34 4.84
N ASP A 181 12.89 -9.15 6.14
CA ASP A 181 11.76 -9.76 6.84
C ASP A 181 10.62 -8.77 7.02
N PRO A 182 9.53 -8.94 6.25
CA PRO A 182 8.41 -7.99 6.37
C PRO A 182 7.70 -8.01 7.71
N ARG A 183 7.95 -9.02 8.53
CA ARG A 183 7.29 -9.09 9.84
C ARG A 183 7.73 -7.92 10.72
N GLY A 184 8.89 -7.36 10.39
CA GLY A 184 9.42 -6.26 11.17
C GLY A 184 8.69 -4.94 10.91
N LEU A 185 7.71 -4.95 10.01
CA LEU A 185 6.96 -3.73 9.69
C LEU A 185 5.55 -3.76 10.28
N LEU A 186 5.21 -4.84 10.98
CA LEU A 186 3.86 -4.97 11.54
C LEU A 186 3.69 -4.42 12.95
N PRO A 187 2.50 -3.89 13.26
CA PRO A 187 2.24 -3.36 14.59
C PRO A 187 1.96 -4.57 15.50
N GLU A 188 1.74 -4.35 16.79
CA GLU A 188 1.47 -5.46 17.69
C GLU A 188 0.12 -6.11 17.44
N SER A 189 -0.91 -5.27 17.31
CA SER A 189 -2.28 -5.76 17.09
C SER A 189 -2.62 -5.94 15.62
N LEU A 190 -3.45 -6.95 15.34
CA LEU A 190 -3.90 -7.17 13.98
C LEU A 190 -5.38 -6.78 13.81
N ASP A 191 -5.91 -5.97 14.73
CA ASP A 191 -7.29 -5.50 14.62
C ASP A 191 -7.35 -4.72 13.30
N TYR A 192 -8.46 -4.85 12.58
CA TYR A 192 -8.55 -4.17 11.28
C TYR A 192 -9.96 -3.77 10.85
N TRP A 193 -10.00 -2.96 9.79
CA TRP A 193 -11.23 -2.54 9.14
C TRP A 193 -11.11 -3.18 7.76
N THR A 194 -12.22 -3.53 7.14
CA THR A 194 -12.15 -4.11 5.80
C THR A 194 -13.31 -3.66 4.91
N TYR A 195 -13.03 -3.48 3.62
CA TYR A 195 -14.06 -3.07 2.67
C TYR A 195 -13.58 -3.40 1.26
N PRO A 196 -14.51 -3.56 0.32
CA PRO A 196 -14.13 -3.87 -1.07
C PRO A 196 -13.72 -2.59 -1.78
N GLY A 197 -12.56 -2.62 -2.44
CA GLY A 197 -12.10 -1.41 -3.11
C GLY A 197 -11.30 -1.63 -4.37
N SER A 198 -10.33 -0.75 -4.61
CA SER A 198 -9.54 -0.81 -5.83
C SER A 198 -8.07 -0.51 -5.63
N LEU A 199 -7.32 -0.62 -6.72
CA LEU A 199 -5.91 -0.22 -6.70
C LEU A 199 -6.03 1.29 -6.53
N THR A 200 -5.11 1.91 -5.80
CA THR A 200 -5.18 3.36 -5.62
C THR A 200 -4.40 4.16 -6.66
N THR A 201 -3.79 3.49 -7.63
CA THR A 201 -3.13 4.20 -8.73
C THR A 201 -3.61 3.56 -10.02
N PRO A 202 -3.48 4.28 -11.15
CA PRO A 202 -3.93 3.70 -12.41
C PRO A 202 -3.25 2.33 -12.51
N PRO A 203 -3.91 1.33 -13.10
CA PRO A 203 -5.24 1.32 -13.73
C PRO A 203 -6.49 1.38 -12.84
N LEU A 204 -6.29 1.60 -11.54
CA LEU A 204 -7.42 1.73 -10.59
C LEU A 204 -8.43 0.59 -10.63
N LEU A 205 -7.97 -0.60 -10.98
CA LEU A 205 -8.85 -1.78 -11.08
C LEU A 205 -9.54 -2.10 -9.76
N GLU A 206 -10.83 -2.45 -9.84
CA GLU A 206 -11.60 -2.73 -8.65
C GLU A 206 -11.51 -4.21 -8.31
N CYS A 207 -10.31 -4.60 -7.91
CA CYS A 207 -9.99 -5.99 -7.62
C CYS A 207 -9.46 -6.23 -6.22
N VAL A 208 -9.60 -5.25 -5.33
CA VAL A 208 -9.00 -5.37 -4.00
C VAL A 208 -9.90 -5.48 -2.78
N THR A 209 -9.57 -6.43 -1.90
CA THR A 209 -10.26 -6.52 -0.63
C THR A 209 -9.26 -5.78 0.26
N TRP A 210 -9.66 -4.63 0.77
CA TRP A 210 -8.77 -3.85 1.62
C TRP A 210 -8.87 -4.26 3.08
N ILE A 211 -7.72 -4.42 3.71
CA ILE A 211 -7.66 -4.79 5.13
C ILE A 211 -6.72 -3.73 5.71
N VAL A 212 -7.28 -2.79 6.46
CA VAL A 212 -6.47 -1.72 7.04
C VAL A 212 -6.36 -1.90 8.54
N LEU A 213 -5.13 -1.99 9.04
CA LEU A 213 -4.90 -2.19 10.46
C LEU A 213 -5.21 -0.94 11.26
N LYS A 214 -5.81 -1.14 12.42
CA LYS A 214 -6.18 -0.04 13.30
C LYS A 214 -4.97 0.60 13.95
N GLU A 215 -4.00 -0.22 14.34
CA GLU A 215 -2.80 0.25 15.02
C GLU A 215 -1.70 0.69 14.05
N PRO A 216 -1.31 1.97 14.09
CA PRO A 216 -0.24 2.38 13.17
C PRO A 216 1.11 1.98 13.76
N ILE A 217 2.16 2.04 12.94
CA ILE A 217 3.48 1.78 13.46
C ILE A 217 4.12 3.16 13.51
N SER A 218 5.15 3.32 14.33
N SER A 218 5.15 3.33 14.32
CA SER A 218 5.85 4.60 14.42
CA SER A 218 5.82 4.62 14.40
C SER A 218 7.18 4.51 13.70
C SER A 218 7.17 4.51 13.71
N VAL A 219 7.56 5.57 13.01
CA VAL A 219 8.83 5.62 12.31
C VAL A 219 9.44 6.95 12.73
N SER A 220 10.75 7.09 12.63
CA SER A 220 11.37 8.33 13.06
C SER A 220 11.33 9.40 11.96
N SER A 221 11.53 10.64 12.36
CA SER A 221 11.54 11.74 11.41
C SER A 221 12.65 11.49 10.39
N GLU A 222 13.80 10.99 10.83
CA GLU A 222 14.92 10.71 9.93
C GLU A 222 14.54 9.64 8.90
N GLN A 223 13.80 8.62 9.33
CA GLN A 223 13.41 7.57 8.41
C GLN A 223 12.49 8.11 7.32
N VAL A 224 11.43 8.84 7.68
CA VAL A 224 10.55 9.35 6.64
C VAL A 224 11.24 10.44 5.81
N LEU A 225 12.17 11.17 6.42
CA LEU A 225 12.88 12.21 5.69
C LEU A 225 13.64 11.63 4.50
N LYS A 226 14.16 10.41 4.68
CA LYS A 226 14.90 9.74 3.61
C LYS A 226 13.97 9.39 2.46
N PHE A 227 12.74 8.98 2.78
CA PHE A 227 11.75 8.66 1.76
C PHE A 227 11.60 9.88 0.86
N ARG A 228 11.53 11.05 1.49
CA ARG A 228 11.34 12.31 0.75
C ARG A 228 12.52 12.77 -0.09
N LYS A 229 13.61 12.01 -0.07
CA LYS A 229 14.77 12.38 -0.86
C LYS A 229 14.78 11.64 -2.18
N LEU A 230 13.87 10.67 -2.31
CA LEU A 230 13.77 9.92 -3.56
C LEU A 230 13.29 10.85 -4.66
N ASN A 231 13.41 10.40 -5.92
CA ASN A 231 13.01 11.20 -7.08
C ASN A 231 11.94 10.52 -7.93
N PHE A 232 10.98 11.30 -8.45
CA PHE A 232 9.97 10.77 -9.36
C PHE A 232 10.62 10.61 -10.74
N ASN A 233 11.53 11.54 -11.03
CA ASN A 233 12.25 11.57 -12.30
C ASN A 233 13.34 10.53 -12.44
N GLY A 234 13.75 10.31 -13.69
CA GLY A 234 14.82 9.39 -13.96
C GLY A 234 16.13 10.15 -13.85
N GLU A 235 17.24 9.43 -13.79
CA GLU A 235 18.54 10.05 -13.69
C GLU A 235 18.83 10.94 -14.90
N GLY A 236 19.49 12.07 -14.67
CA GLY A 236 19.81 12.98 -15.75
C GLY A 236 18.68 13.90 -16.14
N GLU A 237 17.58 13.86 -15.38
CA GLU A 237 16.43 14.73 -15.65
C GLU A 237 16.28 15.67 -14.46
N PRO A 238 15.54 16.77 -14.63
CA PRO A 238 15.33 17.74 -13.55
C PRO A 238 14.77 17.02 -12.33
N GLU A 239 15.35 17.30 -11.17
CA GLU A 239 14.92 16.65 -9.95
C GLU A 239 13.54 17.08 -9.44
N GLU A 240 12.69 16.08 -9.23
CA GLU A 240 11.35 16.30 -8.70
C GLU A 240 11.30 15.34 -7.51
N LEU A 241 11.27 15.88 -6.30
CA LEU A 241 11.24 15.02 -5.14
C LEU A 241 10.01 14.12 -5.11
N MET A 242 10.20 12.86 -4.76
CA MET A 242 9.09 11.93 -4.66
C MET A 242 8.41 12.14 -3.31
N VAL A 243 7.41 13.02 -3.30
CA VAL A 243 6.64 13.28 -2.08
C VAL A 243 5.18 13.43 -2.48
N ASP A 244 4.29 13.25 -1.52
CA ASP A 244 2.86 13.36 -1.77
C ASP A 244 2.38 12.48 -2.92
N ASN A 245 2.81 11.22 -2.91
CA ASN A 245 2.42 10.26 -3.94
C ASN A 245 1.22 9.48 -3.41
N TRP A 246 0.22 10.21 -2.91
CA TRP A 246 -0.98 9.58 -2.37
C TRP A 246 -2.23 10.08 -3.06
N ARG A 247 -3.22 9.19 -3.17
CA ARG A 247 -4.50 9.56 -3.77
C ARG A 247 -5.40 9.93 -2.60
N PRO A 248 -6.20 11.00 -2.73
CA PRO A 248 -7.09 11.40 -1.65
C PRO A 248 -8.28 10.45 -1.53
N ALA A 249 -8.98 10.54 -0.40
CA ALA A 249 -10.15 9.70 -0.15
C ALA A 249 -11.21 9.86 -1.23
N GLN A 250 -11.79 8.74 -1.64
CA GLN A 250 -12.83 8.71 -2.68
C GLN A 250 -14.19 8.41 -2.05
N PRO A 251 -15.28 8.72 -2.77
CA PRO A 251 -16.64 8.47 -2.28
C PRO A 251 -16.86 7.01 -1.88
N LEU A 252 -17.43 6.78 -0.70
CA LEU A 252 -17.69 5.42 -0.22
C LEU A 252 -18.80 4.77 -1.02
N LYS A 253 -19.77 5.59 -1.45
CA LYS A 253 -20.90 5.11 -2.23
C LYS A 253 -21.65 3.96 -1.55
N ASN A 254 -21.94 2.90 -2.28
CA ASN A 254 -22.69 1.80 -1.69
C ASN A 254 -21.83 0.73 -1.06
N ARG A 255 -21.08 1.11 -0.04
CA ARG A 255 -20.20 0.19 0.68
C ARG A 255 -20.25 0.40 2.19
N GLN A 256 -20.03 -0.67 2.94
CA GLN A 256 -20.00 -0.59 4.39
C GLN A 256 -18.63 -1.07 4.82
N ILE A 257 -18.00 -0.35 5.73
CA ILE A 257 -16.70 -0.77 6.23
C ILE A 257 -16.98 -1.61 7.47
N LYS A 258 -16.38 -2.79 7.54
CA LYS A 258 -16.58 -3.68 8.67
C LYS A 258 -15.35 -3.66 9.57
N ALA A 259 -15.57 -3.78 10.88
CA ALA A 259 -14.44 -3.79 11.82
C ALA A 259 -14.33 -5.18 12.44
N SER A 260 -13.10 -5.59 12.71
CA SER A 260 -12.86 -6.91 13.29
C SER A 260 -12.91 -6.84 14.81
N PHE A 261 -13.05 -5.64 15.33
CA PHE A 261 -13.04 -5.40 16.78
C PHE A 261 -14.20 -4.53 17.22
N LYS A 262 -14.48 -4.56 18.53
CA LYS A 262 -15.56 -3.77 19.10
C LYS A 262 -15.02 -2.41 19.56
#